data_8XCL
#
_entry.id   8XCL
#
_cell.length_a   44.481
_cell.length_b   138.797
_cell.length_c   95.827
_cell.angle_alpha   90.00
_cell.angle_beta   90.00
_cell.angle_gamma   90.00
#
_symmetry.space_group_name_H-M   'C 2 2 21'
#
loop_
_entity.id
_entity.type
_entity.pdbx_description
1 polymer 'EF-hand domain-containing protein'
2 water water
#
_entity_poly.entity_id   1
_entity_poly.type   'polypeptide(L)'
_entity_poly.pdbx_seq_one_letter_code
;GTDLITLEMVFAANLNQDKSSCEAILPFLNEYAKTYGMKEERAMAHFLSQVGHESNFKPVSENLRYSPKGMRKIFGCKGG
SKNYDPILDDAKEGRLRPKLWTHESDYAFNPVALGNYVYANRPGSKNGDESSGDGYKYRGRGLIQITHKDAYIKFTEAHN
AANPSDQKDFLASPDDILTLRYATSSAYFFWFIYKKSFNLHSTACTGTVKEVTKIVNGGYAGYADRLKRFNAVAAVIGID
GARE
;
_entity_poly.pdbx_strand_id   A
#
# COMPACT_ATOMS: atom_id res chain seq x y z
N ASP A 3 2.81 -12.57 23.39
CA ASP A 3 2.60 -12.26 21.97
C ASP A 3 3.88 -12.39 21.16
N LEU A 4 3.72 -12.48 19.85
CA LEU A 4 4.89 -12.35 18.98
C LEU A 4 5.30 -10.90 18.80
N ILE A 5 4.35 -9.97 18.85
CA ILE A 5 4.63 -8.55 18.62
C ILE A 5 4.22 -7.78 19.87
N THR A 6 5.18 -7.09 20.48
CA THR A 6 4.93 -6.29 21.67
C THR A 6 4.67 -4.84 21.28
N LEU A 7 4.05 -4.09 22.20
CA LEU A 7 3.86 -2.67 21.98
C LEU A 7 5.19 -1.97 21.68
N GLU A 8 6.29 -2.41 22.31
CA GLU A 8 7.58 -1.74 22.12
C GLU A 8 8.12 -1.91 20.72
N MET A 9 7.80 -3.03 20.06
CA MET A 9 8.24 -3.19 18.67
C MET A 9 7.46 -2.27 17.74
N VAL A 10 6.16 -2.14 17.97
CA VAL A 10 5.34 -1.30 17.11
C VAL A 10 5.73 0.15 17.28
N PHE A 11 5.85 0.60 18.55
CA PHE A 11 6.28 1.95 18.85
C PHE A 11 7.66 2.26 18.25
N ALA A 12 8.58 1.29 18.31
CA ALA A 12 9.88 1.50 17.68
C ALA A 12 9.76 1.62 16.16
N ALA A 13 8.94 0.78 15.53
CA ALA A 13 8.74 0.88 14.09
C ALA A 13 8.11 2.20 13.71
N ASN A 14 7.36 2.80 14.64
CA ASN A 14 6.73 4.09 14.49
C ASN A 14 7.60 5.23 14.99
N LEU A 15 8.91 5.00 15.16
CA LEU A 15 9.86 6.05 15.53
C LEU A 15 9.46 6.74 16.83
N ASN A 16 8.86 5.97 17.74
CA ASN A 16 8.48 6.43 19.07
C ASN A 16 7.47 7.59 18.98
N GLN A 17 6.50 7.46 18.09
CA GLN A 17 5.45 8.46 17.97
C GLN A 17 4.09 7.78 18.05
N ASP A 18 3.10 8.56 18.47
CA ASP A 18 1.69 8.19 18.50
C ASP A 18 1.46 6.82 19.15
N LYS A 19 1.78 6.79 20.45
CA LYS A 19 1.70 5.55 21.22
C LYS A 19 0.33 4.89 21.12
N SER A 20 -0.73 5.69 21.12
CA SER A 20 -2.06 5.11 21.20
C SER A 20 -2.48 4.47 19.87
N SER A 21 -2.05 5.05 18.74
CA SER A 21 -2.20 4.34 17.46
C SER A 21 -1.50 3.00 17.51
N CYS A 22 -0.31 2.95 18.10
CA CYS A 22 0.39 1.67 18.22
C CYS A 22 -0.38 0.70 19.10
N GLU A 23 -0.99 1.20 20.18
CA GLU A 23 -1.79 0.33 21.04
C GLU A 23 -3.04 -0.18 20.34
N ALA A 24 -3.69 0.69 19.57
CA ALA A 24 -4.94 0.29 18.90
C ALA A 24 -4.72 -0.82 17.89
N ILE A 25 -3.59 -0.81 17.17
CA ILE A 25 -3.41 -1.80 16.12
C ILE A 25 -2.72 -3.07 16.61
N LEU A 26 -2.08 -3.03 17.78
CA LEU A 26 -1.35 -4.19 18.32
C LEU A 26 -2.14 -5.50 18.31
N PRO A 27 -3.40 -5.57 18.75
CA PRO A 27 -4.07 -6.88 18.76
C PRO A 27 -4.26 -7.46 17.37
N PHE A 28 -4.64 -6.64 16.40
CA PHE A 28 -4.78 -7.11 15.03
C PHE A 28 -3.45 -7.58 14.48
N LEU A 29 -2.38 -6.82 14.75
CA LEU A 29 -1.04 -7.25 14.34
C LEU A 29 -0.73 -8.66 14.84
N ASN A 30 -1.07 -8.96 16.09
CA ASN A 30 -0.80 -10.30 16.62
C ASN A 30 -1.78 -11.34 16.08
N GLU A 31 -3.06 -10.98 15.97
CA GLU A 31 -4.06 -11.94 15.47
C GLU A 31 -3.67 -12.46 14.09
N TYR A 32 -3.30 -11.55 13.18
CA TYR A 32 -3.06 -11.92 11.79
C TYR A 32 -1.65 -12.44 11.52
N ALA A 33 -0.69 -12.15 12.41
CA ALA A 33 0.61 -12.83 12.31
C ALA A 33 0.47 -14.31 12.62
N LYS A 34 -0.44 -14.65 13.54
CA LYS A 34 -0.73 -16.05 13.83
C LYS A 34 -1.42 -16.74 12.64
N THR A 35 -2.48 -16.13 12.10
CA THR A 35 -3.25 -16.80 11.05
C THR A 35 -2.53 -16.79 9.71
N TYR A 36 -1.74 -15.75 9.40
CA TYR A 36 -1.00 -15.77 8.15
C TYR A 36 0.36 -16.43 8.27
N GLY A 37 0.87 -16.64 9.48
CA GLY A 37 2.13 -17.33 9.67
C GLY A 37 3.37 -16.47 9.81
N MET A 38 3.27 -15.32 10.45
CA MET A 38 4.46 -14.51 10.75
C MET A 38 5.05 -15.04 12.06
N LYS A 39 6.11 -15.83 11.95
CA LYS A 39 6.81 -16.39 13.10
C LYS A 39 8.26 -15.93 13.21
N GLU A 40 8.89 -15.59 12.10
CA GLU A 40 10.31 -15.29 12.03
C GLU A 40 10.56 -13.82 12.41
N GLU A 41 11.55 -13.60 13.28
CA GLU A 41 11.68 -12.29 13.91
C GLU A 41 12.32 -11.26 12.99
N ARG A 42 13.30 -11.65 12.18
CA ARG A 42 13.88 -10.70 11.25
C ARG A 42 12.87 -10.30 10.17
N ALA A 43 12.04 -11.25 9.71
CA ALA A 43 10.98 -10.93 8.77
C ALA A 43 9.98 -9.97 9.38
N MET A 44 9.63 -10.21 10.64
CA MET A 44 8.69 -9.34 11.34
C MET A 44 9.24 -7.93 11.47
N ALA A 45 10.54 -7.79 11.72
CA ALA A 45 11.12 -6.46 11.82
C ALA A 45 11.05 -5.74 10.48
N HIS A 46 11.27 -6.48 9.39
CA HIS A 46 11.10 -5.85 8.08
C HIS A 46 9.64 -5.44 7.88
N PHE A 47 8.70 -6.34 8.21
CA PHE A 47 7.28 -6.06 8.02
C PHE A 47 6.88 -4.81 8.80
N LEU A 48 7.24 -4.74 10.08
CA LEU A 48 6.86 -3.60 10.89
C LEU A 48 7.48 -2.31 10.36
N SER A 49 8.72 -2.38 9.88
CA SER A 49 9.38 -1.17 9.41
C SER A 49 8.82 -0.72 8.06
N GLN A 50 8.45 -1.67 7.20
CA GLN A 50 7.84 -1.31 5.93
C GLN A 50 6.43 -0.78 6.12
N VAL A 51 5.64 -1.43 6.97
CA VAL A 51 4.30 -0.96 7.28
C VAL A 51 4.36 0.41 7.95
N GLY A 52 5.25 0.56 8.94
CA GLY A 52 5.36 1.82 9.64
C GLY A 52 5.72 2.97 8.71
N HIS A 53 6.62 2.71 7.76
CA HIS A 53 6.99 3.77 6.84
C HIS A 53 5.83 4.13 5.90
N GLU A 54 5.07 3.12 5.46
CA GLU A 54 4.01 3.41 4.50
C GLU A 54 2.84 4.12 5.16
N SER A 55 2.56 3.81 6.42
CA SER A 55 1.27 4.11 7.01
C SER A 55 1.31 4.72 8.40
N ASN A 56 2.44 4.60 9.12
CA ASN A 56 2.50 4.99 10.53
C ASN A 56 1.39 4.31 11.34
N PHE A 57 1.00 3.12 10.89
CA PHE A 57 0.01 2.23 11.53
C PHE A 57 -1.38 2.87 11.61
N LYS A 58 -1.70 3.79 10.70
CA LYS A 58 -3.04 4.36 10.51
C LYS A 58 -3.52 4.03 9.10
N PRO A 59 -4.73 3.47 8.95
CA PRO A 59 -5.20 3.14 7.60
C PRO A 59 -5.38 4.39 6.77
N VAL A 60 -5.02 4.29 5.49
CA VAL A 60 -4.99 5.41 4.57
C VAL A 60 -5.81 5.03 3.34
N SER A 61 -6.61 5.97 2.85
CA SER A 61 -7.27 5.82 1.56
C SER A 61 -6.70 6.84 0.57
N GLU A 62 -6.48 6.39 -0.67
CA GLU A 62 -5.93 7.24 -1.72
C GLU A 62 -6.78 8.51 -1.90
N ASN A 63 -6.10 9.63 -2.04
CA ASN A 63 -6.76 10.90 -2.31
C ASN A 63 -6.77 11.12 -3.81
N LEU A 64 -7.97 11.23 -4.40
CA LEU A 64 -8.11 11.48 -5.84
C LEU A 64 -8.74 12.83 -6.13
N ARG A 65 -8.66 13.75 -5.17
CA ARG A 65 -9.04 15.14 -5.39
C ARG A 65 -7.80 15.90 -5.85
N TYR A 66 -7.77 16.26 -7.14
CA TYR A 66 -6.63 16.92 -7.75
C TYR A 66 -7.05 18.23 -8.41
N SER A 67 -6.11 19.17 -8.44
CA SER A 67 -6.27 20.38 -9.22
C SER A 67 -6.10 20.08 -10.71
N PRO A 68 -6.52 20.98 -11.60
CA PRO A 68 -6.34 20.72 -13.03
C PRO A 68 -4.91 20.41 -13.41
N LYS A 69 -3.96 21.28 -13.05
CA LYS A 69 -2.57 20.99 -13.38
C LYS A 69 -2.09 19.73 -12.67
N GLY A 70 -2.56 19.51 -11.44
CA GLY A 70 -2.07 18.37 -10.68
C GLY A 70 -2.42 17.04 -11.32
N MET A 71 -3.67 16.89 -11.78
CA MET A 71 -4.07 15.63 -12.39
C MET A 71 -3.35 15.39 -13.71
N ARG A 72 -3.16 16.46 -14.49
CA ARG A 72 -2.42 16.33 -15.74
C ARG A 72 -1.01 15.86 -15.48
N LYS A 73 -0.36 16.42 -14.46
CA LYS A 73 1.02 16.05 -14.16
C LYS A 73 1.12 14.57 -13.82
N ILE A 74 0.23 14.09 -12.94
CA ILE A 74 0.37 12.73 -12.39
C ILE A 74 -0.24 11.70 -13.33
N PHE A 75 -1.37 12.00 -13.97
CA PHE A 75 -2.11 11.00 -14.74
C PHE A 75 -2.23 11.30 -16.23
N GLY A 76 -1.76 12.43 -16.72
CA GLY A 76 -2.08 12.82 -18.08
C GLY A 76 -1.05 12.51 -19.15
N CYS A 77 0.21 12.33 -18.80
CA CYS A 77 1.28 12.28 -19.80
C CYS A 77 1.75 10.86 -20.04
N LYS A 78 2.03 10.54 -21.31
CA LYS A 78 2.65 9.25 -21.63
C LYS A 78 4.04 9.20 -21.02
N GLY A 79 4.32 8.10 -20.32
CA GLY A 79 5.51 7.97 -19.54
C GLY A 79 5.41 8.51 -18.13
N GLY A 80 4.25 9.02 -17.72
CA GLY A 80 4.09 9.50 -16.36
C GLY A 80 4.56 10.93 -16.17
N SER A 81 4.64 11.32 -14.89
CA SER A 81 4.87 12.72 -14.50
C SER A 81 6.23 13.24 -14.95
N LYS A 82 7.21 12.36 -15.19
CA LYS A 82 8.49 12.82 -15.70
C LYS A 82 8.33 13.59 -17.00
N ASN A 83 7.21 13.40 -17.71
CA ASN A 83 6.99 14.01 -19.02
C ASN A 83 5.98 15.13 -18.97
N TYR A 84 5.68 15.63 -17.78
CA TYR A 84 4.86 16.83 -17.64
C TYR A 84 5.74 18.06 -17.79
N ASP A 85 5.38 18.94 -18.72
CA ASP A 85 6.06 20.22 -18.87
C ASP A 85 5.32 21.25 -18.03
N PRO A 86 5.85 21.68 -16.89
CA PRO A 86 5.12 22.66 -16.04
C PRO A 86 4.89 23.98 -16.74
N ILE A 87 5.83 24.38 -17.60
CA ILE A 87 5.75 25.71 -18.21
C ILE A 87 4.62 25.74 -19.23
N LEU A 88 4.52 24.71 -20.06
CA LEU A 88 3.44 24.61 -21.03
C LEU A 88 2.15 24.01 -20.47
N ASP A 89 2.18 23.43 -19.26
CA ASP A 89 1.03 22.68 -18.76
C ASP A 89 0.60 21.63 -19.78
N ASP A 90 1.55 20.80 -20.19
CA ASP A 90 1.31 19.89 -21.30
C ASP A 90 2.30 18.74 -21.26
N ALA A 91 2.01 17.73 -22.07
CA ALA A 91 2.81 16.53 -22.11
C ALA A 91 3.95 16.70 -23.11
N LYS A 92 5.13 16.25 -22.72
CA LYS A 92 6.29 16.35 -23.61
C LYS A 92 6.29 15.29 -24.71
N GLU A 93 5.70 14.13 -24.48
CA GLU A 93 5.81 13.01 -25.40
C GLU A 93 4.43 12.42 -25.70
N GLY A 94 3.39 13.23 -25.58
CA GLY A 94 2.04 12.75 -25.87
C GLY A 94 1.15 12.73 -24.65
N ARG A 95 -0.07 13.23 -24.84
CA ARG A 95 -1.11 13.14 -23.84
C ARG A 95 -1.65 11.72 -23.81
N LEU A 96 -1.43 11.00 -22.71
CA LEU A 96 -2.02 9.68 -22.52
C LEU A 96 -3.51 9.76 -22.19
N ARG A 97 -3.92 10.75 -21.40
CA ARG A 97 -5.32 10.91 -21.02
C ARG A 97 -5.74 12.31 -21.44
N PRO A 98 -6.06 12.47 -22.73
CA PRO A 98 -6.32 13.83 -23.28
C PRO A 98 -7.53 14.52 -22.69
N LYS A 99 -8.46 13.80 -22.09
CA LYS A 99 -9.62 14.47 -21.50
C LYS A 99 -9.25 15.27 -20.26
N LEU A 100 -8.10 15.01 -19.64
CA LEU A 100 -7.65 15.90 -18.57
C LEU A 100 -7.38 17.29 -19.09
N TRP A 101 -7.20 17.45 -20.40
CA TRP A 101 -7.05 18.75 -21.04
C TRP A 101 -8.40 19.26 -21.56
N THR A 102 -9.08 18.46 -22.41
CA THR A 102 -10.29 18.95 -23.06
C THR A 102 -11.51 18.91 -22.16
N HIS A 103 -11.54 18.05 -21.15
CA HIS A 103 -12.68 17.92 -20.25
C HIS A 103 -12.27 18.22 -18.82
N GLU A 104 -11.34 19.17 -18.70
CA GLU A 104 -10.74 19.59 -17.43
C GLU A 104 -11.74 19.66 -16.29
N SER A 105 -12.83 20.39 -16.49
CA SER A 105 -13.73 20.69 -15.39
C SER A 105 -14.50 19.46 -14.92
N ASP A 106 -14.57 18.42 -15.76
CA ASP A 106 -15.25 17.18 -15.38
C ASP A 106 -14.43 16.36 -14.39
N TYR A 107 -13.10 16.51 -14.38
CA TYR A 107 -12.25 15.61 -13.61
C TYR A 107 -11.52 16.27 -12.46
N ALA A 108 -11.21 17.57 -12.56
CA ALA A 108 -10.57 18.31 -11.48
C ALA A 108 -11.49 18.41 -10.27
N PHE A 109 -10.93 18.16 -9.09
CA PHE A 109 -11.65 18.22 -7.83
C PHE A 109 -12.86 17.28 -7.80
N ASN A 110 -12.84 16.23 -8.62
CA ASN A 110 -13.93 15.26 -8.73
C ASN A 110 -13.33 13.87 -8.57
N PRO A 111 -13.07 13.44 -7.32
CA PRO A 111 -12.36 12.17 -7.12
C PRO A 111 -13.00 10.95 -7.77
N VAL A 112 -14.34 10.87 -7.81
CA VAL A 112 -14.99 9.72 -8.42
C VAL A 112 -14.73 9.72 -9.93
N ALA A 113 -15.00 10.85 -10.60
CA ALA A 113 -14.82 10.90 -12.05
C ALA A 113 -13.36 10.70 -12.42
N LEU A 114 -12.43 11.29 -11.67
CA LEU A 114 -11.00 11.15 -11.98
C LEU A 114 -10.54 9.71 -11.81
N GLY A 115 -10.86 9.09 -10.67
CA GLY A 115 -10.44 7.72 -10.45
C GLY A 115 -11.01 6.75 -11.46
N ASN A 116 -12.28 6.95 -11.85
CA ASN A 116 -12.86 6.07 -12.85
C ASN A 116 -12.18 6.22 -14.21
N TYR A 117 -11.67 7.42 -14.52
CA TYR A 117 -11.00 7.66 -15.79
C TYR A 117 -9.56 7.14 -15.78
N VAL A 118 -8.77 7.58 -14.79
CA VAL A 118 -7.33 7.36 -14.86
C VAL A 118 -6.94 5.93 -14.50
N TYR A 119 -7.78 5.18 -13.79
CA TYR A 119 -7.52 3.79 -13.46
C TYR A 119 -8.34 2.81 -14.30
N ALA A 120 -9.12 3.30 -15.27
CA ALA A 120 -9.87 2.43 -16.16
C ALA A 120 -8.95 1.49 -16.94
N ASN A 121 -9.36 0.23 -17.06
CA ASN A 121 -8.76 -0.74 -17.99
C ASN A 121 -7.27 -0.98 -17.72
N ARG A 122 -6.77 -0.66 -16.53
CA ARG A 122 -5.35 -0.78 -16.26
C ARG A 122 -4.85 -2.21 -16.49
N PRO A 123 -3.81 -2.40 -17.30
CA PRO A 123 -3.34 -3.76 -17.60
C PRO A 123 -2.98 -4.55 -16.36
N GLY A 124 -3.46 -5.80 -16.32
CA GLY A 124 -3.27 -6.69 -15.19
C GLY A 124 -4.16 -6.41 -14.00
N SER A 125 -4.84 -5.26 -13.96
CA SER A 125 -5.55 -4.80 -12.77
C SER A 125 -6.98 -5.32 -12.66
N LYS A 126 -7.52 -5.88 -13.75
CA LYS A 126 -8.90 -6.33 -13.89
C LYS A 126 -9.93 -5.22 -13.77
N ASN A 127 -9.51 -3.95 -13.69
CA ASN A 127 -10.47 -2.84 -13.74
C ASN A 127 -11.11 -2.79 -15.13
N GLY A 128 -12.42 -2.60 -15.16
CA GLY A 128 -13.13 -2.31 -16.39
C GLY A 128 -12.96 -0.87 -16.85
N ASP A 129 -13.86 -0.42 -17.73
CA ASP A 129 -13.65 0.87 -18.37
C ASP A 129 -14.17 2.00 -17.47
N GLU A 130 -14.22 3.23 -18.01
CA GLU A 130 -14.53 4.38 -17.18
C GLU A 130 -15.95 4.31 -16.64
N SER A 131 -16.87 3.76 -17.41
CA SER A 131 -18.25 3.68 -16.97
C SER A 131 -18.50 2.55 -15.99
N SER A 132 -17.53 1.66 -15.77
CA SER A 132 -17.72 0.56 -14.84
C SER A 132 -17.65 1.01 -13.37
N GLY A 133 -17.05 2.17 -13.08
CA GLY A 133 -16.80 2.62 -11.73
C GLY A 133 -15.68 1.90 -11.00
N ASP A 134 -15.00 0.95 -11.64
CA ASP A 134 -13.92 0.21 -10.98
C ASP A 134 -12.78 1.13 -10.52
N GLY A 135 -12.45 2.14 -11.32
CA GLY A 135 -11.26 2.93 -11.05
C GLY A 135 -11.28 3.62 -9.70
N TYR A 136 -12.37 4.33 -9.39
CA TYR A 136 -12.49 4.95 -8.07
C TYR A 136 -12.78 3.90 -7.00
N LYS A 137 -13.65 2.92 -7.32
CA LYS A 137 -14.11 1.99 -6.30
C LYS A 137 -12.94 1.22 -5.67
N TYR A 138 -11.96 0.81 -6.49
CA TYR A 138 -10.81 0.04 -6.03
C TYR A 138 -9.55 0.89 -5.89
N ARG A 139 -9.70 2.18 -5.63
CA ARG A 139 -8.57 3.03 -5.28
C ARG A 139 -7.80 2.45 -4.09
N GLY A 140 -6.57 2.93 -3.90
CA GLY A 140 -5.69 2.49 -2.83
C GLY A 140 -6.25 2.57 -1.43
N ARG A 141 -6.12 1.50 -0.66
CA ARG A 141 -6.58 1.49 0.72
C ARG A 141 -5.67 0.59 1.53
N GLY A 142 -5.57 0.89 2.84
CA GLY A 142 -4.91 -0.01 3.77
C GLY A 142 -3.73 0.60 4.48
N LEU A 143 -2.77 -0.24 4.88
CA LEU A 143 -1.51 0.23 5.46
C LEU A 143 -0.43 0.25 4.39
N ILE A 144 -0.10 -0.90 3.82
CA ILE A 144 0.52 -0.96 2.51
C ILE A 144 -0.63 -1.01 1.52
N GLN A 145 -0.80 0.05 0.75
CA GLN A 145 -2.04 0.21 0.01
C GLN A 145 -2.17 -0.84 -1.08
N ILE A 146 -3.37 -1.38 -1.24
CA ILE A 146 -3.67 -2.26 -2.36
C ILE A 146 -4.71 -1.56 -3.23
N THR A 147 -4.56 -1.71 -4.54
CA THR A 147 -5.32 -0.93 -5.50
C THR A 147 -5.70 -1.81 -6.67
N HIS A 148 -6.87 -1.51 -7.25
CA HIS A 148 -7.43 -2.13 -8.45
C HIS A 148 -8.15 -3.43 -8.14
N LYS A 149 -9.09 -3.80 -9.01
CA LYS A 149 -9.99 -4.91 -8.75
C LYS A 149 -9.20 -6.20 -8.46
N ASP A 150 -8.13 -6.44 -9.20
CA ASP A 150 -7.39 -7.69 -9.04
C ASP A 150 -6.89 -7.87 -7.60
N ALA A 151 -6.41 -6.78 -6.98
CA ALA A 151 -5.92 -6.90 -5.61
C ALA A 151 -7.05 -7.19 -4.63
N TYR A 152 -8.24 -6.61 -4.85
CA TYR A 152 -9.36 -6.83 -3.95
C TYR A 152 -9.95 -8.23 -4.15
N ILE A 153 -9.91 -8.79 -5.36
CA ILE A 153 -10.24 -10.21 -5.52
C ILE A 153 -9.28 -11.05 -4.71
N LYS A 154 -7.97 -10.86 -4.93
CA LYS A 154 -6.99 -11.71 -4.29
C LYS A 154 -6.99 -11.55 -2.77
N PHE A 155 -7.26 -10.34 -2.27
CA PHE A 155 -7.33 -10.17 -0.83
C PHE A 155 -8.53 -10.91 -0.23
N THR A 156 -9.69 -10.82 -0.89
CA THR A 156 -10.85 -11.58 -0.44
C THR A 156 -10.51 -13.06 -0.28
N GLU A 157 -9.95 -13.68 -1.31
CA GLU A 157 -9.63 -15.10 -1.24
C GLU A 157 -8.54 -15.38 -0.20
N ALA A 158 -7.52 -14.52 -0.12
CA ALA A 158 -6.44 -14.78 0.82
C ALA A 158 -6.90 -14.61 2.26
N HIS A 159 -7.68 -13.55 2.54
CA HIS A 159 -8.12 -13.34 3.91
C HIS A 159 -9.06 -14.46 4.36
N ASN A 160 -9.95 -14.90 3.47
CA ASN A 160 -10.86 -15.97 3.85
C ASN A 160 -10.13 -17.29 4.05
N ALA A 161 -9.06 -17.54 3.27
CA ALA A 161 -8.30 -18.77 3.42
C ALA A 161 -7.58 -18.83 4.76
N ALA A 162 -7.02 -17.70 5.20
CA ALA A 162 -6.28 -17.65 6.45
C ALA A 162 -7.19 -17.50 7.65
N ASN A 163 -8.37 -16.92 7.47
CA ASN A 163 -9.29 -16.64 8.57
C ASN A 163 -10.68 -17.19 8.24
N PRO A 164 -10.81 -18.52 8.12
CA PRO A 164 -12.08 -19.10 7.68
C PRO A 164 -13.24 -18.81 8.61
N SER A 165 -12.99 -18.46 9.86
CA SER A 165 -14.09 -18.13 10.76
C SER A 165 -14.58 -16.69 10.62
N ASP A 166 -13.92 -15.85 9.79
CA ASP A 166 -14.34 -14.45 9.57
C ASP A 166 -14.38 -14.17 8.06
N GLN A 167 -15.36 -14.75 7.38
CA GLN A 167 -15.45 -14.59 5.93
C GLN A 167 -15.88 -13.17 5.57
N LYS A 168 -15.21 -12.61 4.55
CA LYS A 168 -15.49 -11.26 4.08
C LYS A 168 -15.58 -11.26 2.56
N ASP A 169 -16.01 -10.12 2.02
CA ASP A 169 -16.04 -9.90 0.57
C ASP A 169 -15.65 -8.43 0.35
N PHE A 170 -14.38 -8.20 0.04
CA PHE A 170 -13.87 -6.85 -0.14
C PHE A 170 -14.12 -6.31 -1.54
N LEU A 171 -14.65 -7.14 -2.45
CA LEU A 171 -15.31 -6.57 -3.62
C LEU A 171 -16.61 -5.89 -3.22
N ALA A 172 -17.41 -6.52 -2.35
CA ALA A 172 -18.64 -5.88 -1.91
C ALA A 172 -18.36 -4.77 -0.91
N SER A 173 -17.33 -4.91 -0.09
CA SER A 173 -17.10 -3.98 1.02
C SER A 173 -15.65 -3.50 1.02
N PRO A 174 -15.21 -2.79 -0.03
CA PRO A 174 -13.79 -2.40 -0.10
C PRO A 174 -13.37 -1.44 1.00
N ASP A 175 -14.28 -0.59 1.47
CA ASP A 175 -13.99 0.35 2.55
C ASP A 175 -13.67 -0.33 3.88
N ASP A 176 -13.92 -1.64 4.02
CA ASP A 176 -13.50 -2.32 5.24
C ASP A 176 -12.00 -2.36 5.39
N ILE A 177 -11.25 -2.27 4.28
CA ILE A 177 -9.81 -2.16 4.37
C ILE A 177 -9.38 -0.87 5.08
N LEU A 178 -10.29 0.09 5.27
CA LEU A 178 -9.97 1.26 6.08
C LEU A 178 -10.19 1.03 7.58
N THR A 179 -10.76 -0.09 7.99
CA THR A 179 -10.76 -0.43 9.41
C THR A 179 -9.39 -0.97 9.80
N LEU A 180 -9.04 -0.80 11.08
CA LEU A 180 -7.75 -1.29 11.57
C LEU A 180 -7.64 -2.79 11.37
N ARG A 181 -8.73 -3.51 11.60
CA ARG A 181 -8.71 -4.97 11.48
C ARG A 181 -8.34 -5.39 10.06
N TYR A 182 -9.08 -4.94 9.05
CA TYR A 182 -8.82 -5.44 7.70
C TYR A 182 -7.70 -4.69 6.99
N ALA A 183 -7.37 -3.46 7.40
CA ALA A 183 -6.11 -2.88 6.95
C ALA A 183 -4.95 -3.76 7.36
N THR A 184 -4.99 -4.31 8.58
CA THR A 184 -3.88 -5.15 9.05
C THR A 184 -3.86 -6.49 8.35
N SER A 185 -5.04 -7.12 8.21
CA SER A 185 -5.14 -8.35 7.43
C SER A 185 -4.57 -8.13 6.03
N SER A 186 -4.91 -7.00 5.41
CA SER A 186 -4.44 -6.75 4.05
C SER A 186 -2.93 -6.58 4.00
N ALA A 187 -2.33 -6.03 5.04
CA ALA A 187 -0.89 -5.88 5.07
C ALA A 187 -0.22 -7.25 5.02
N TYR A 188 -0.70 -8.18 5.84
CA TYR A 188 -0.18 -9.53 5.85
C TYR A 188 -0.46 -10.23 4.53
N PHE A 189 -1.59 -9.91 3.89
CA PHE A 189 -1.87 -10.52 2.59
C PHE A 189 -0.88 -10.04 1.54
N PHE A 190 -0.64 -8.72 1.52
CA PHE A 190 0.41 -8.16 0.67
C PHE A 190 1.73 -8.92 0.88
N TRP A 191 2.15 -9.02 2.14
CA TRP A 191 3.44 -9.61 2.50
C TRP A 191 3.57 -11.03 1.98
N PHE A 192 2.60 -11.89 2.35
CA PHE A 192 2.71 -13.34 2.17
C PHE A 192 2.15 -13.83 0.84
N ILE A 193 1.13 -13.18 0.31
CA ILE A 193 0.39 -13.69 -0.84
C ILE A 193 0.60 -12.81 -2.06
N TYR A 194 0.20 -11.55 -1.99
CA TYR A 194 0.27 -10.67 -3.15
C TYR A 194 1.65 -10.67 -3.78
N LYS A 195 2.70 -10.67 -2.96
CA LYS A 195 4.07 -10.62 -3.47
C LYS A 195 4.80 -11.95 -3.31
N LYS A 196 4.06 -13.07 -3.24
CA LYS A 196 4.71 -14.37 -3.06
C LYS A 196 5.63 -14.68 -4.22
N SER A 197 5.25 -14.29 -5.44
CA SER A 197 6.06 -14.60 -6.60
C SER A 197 7.38 -13.84 -6.62
N PHE A 198 7.55 -12.83 -5.75
CA PHE A 198 8.83 -12.16 -5.56
C PHE A 198 9.56 -12.65 -4.33
N ASN A 199 9.01 -13.63 -3.61
CA ASN A 199 9.62 -14.18 -2.41
C ASN A 199 9.93 -13.08 -1.39
N LEU A 200 8.95 -12.21 -1.18
CA LEU A 200 9.11 -11.12 -0.23
C LEU A 200 9.47 -11.65 1.16
N HIS A 201 8.72 -12.63 1.65
CA HIS A 201 8.97 -13.15 2.98
C HIS A 201 10.35 -13.76 3.09
N SER A 202 10.74 -14.57 2.09
CA SER A 202 12.08 -15.15 2.09
C SER A 202 13.13 -14.08 2.09
N THR A 203 12.97 -13.09 1.23
CA THR A 203 13.97 -12.03 1.14
C THR A 203 14.10 -11.28 2.46
N ALA A 204 13.00 -11.09 3.17
CA ALA A 204 13.10 -10.44 4.48
C ALA A 204 13.84 -11.30 5.48
N CYS A 205 13.79 -12.62 5.31
CA CYS A 205 14.37 -13.54 6.29
C CYS A 205 15.90 -13.50 6.25
N THR A 206 16.49 -13.41 5.06
CA THR A 206 17.94 -13.45 4.94
C THR A 206 18.50 -12.32 4.09
N GLY A 207 17.70 -11.31 3.75
CA GLY A 207 18.10 -10.30 2.82
C GLY A 207 18.28 -8.95 3.46
N THR A 208 18.26 -7.93 2.61
CA THR A 208 18.65 -6.57 2.93
C THR A 208 17.43 -5.66 2.99
N VAL A 209 17.52 -4.56 3.73
CA VAL A 209 16.41 -3.61 3.74
C VAL A 209 16.16 -3.08 2.34
N LYS A 210 17.24 -2.83 1.60
CA LYS A 210 17.13 -2.39 0.21
C LYS A 210 16.40 -3.42 -0.64
N GLU A 211 16.71 -4.70 -0.49
CA GLU A 211 16.05 -5.72 -1.30
C GLU A 211 14.57 -5.86 -0.92
N VAL A 212 14.27 -5.85 0.38
CA VAL A 212 12.86 -5.82 0.80
C VAL A 212 12.16 -4.61 0.23
N THR A 213 12.82 -3.45 0.29
CA THR A 213 12.22 -2.22 -0.20
C THR A 213 11.91 -2.31 -1.70
N LYS A 214 12.84 -2.89 -2.48
CA LYS A 214 12.62 -3.01 -3.92
C LYS A 214 11.33 -3.77 -4.22
N ILE A 215 11.05 -4.84 -3.49
CA ILE A 215 9.84 -5.62 -3.74
C ILE A 215 8.60 -4.84 -3.27
N VAL A 216 8.66 -4.25 -2.07
CA VAL A 216 7.50 -3.59 -1.50
C VAL A 216 7.11 -2.37 -2.34
N ASN A 217 8.11 -1.56 -2.71
CA ASN A 217 7.86 -0.28 -3.36
C ASN A 217 7.96 -0.35 -4.87
N GLY A 218 8.56 -1.40 -5.43
CA GLY A 218 8.88 -1.38 -6.85
C GLY A 218 9.92 -0.33 -7.17
N GLY A 219 10.76 -0.02 -6.20
CA GLY A 219 11.63 1.13 -6.27
C GLY A 219 12.31 1.32 -4.92
N TYR A 220 12.87 2.51 -4.73
CA TYR A 220 13.65 2.77 -3.52
C TYR A 220 13.16 4.02 -2.77
N ALA A 221 11.92 4.43 -3.02
CA ALA A 221 11.32 5.55 -2.29
C ALA A 221 11.29 5.29 -0.78
N GLY A 222 11.73 6.30 -0.01
CA GLY A 222 11.75 6.21 1.43
C GLY A 222 12.72 5.20 1.98
N TYR A 223 13.72 4.80 1.21
CA TYR A 223 14.63 3.73 1.63
C TYR A 223 15.29 4.04 2.97
N ALA A 224 15.88 5.23 3.11
CA ALA A 224 16.58 5.58 4.35
C ALA A 224 15.68 5.50 5.57
N ASP A 225 14.43 5.95 5.44
CA ASP A 225 13.49 5.89 6.56
C ASP A 225 13.09 4.46 6.89
N ARG A 226 12.90 3.61 5.87
CA ARG A 226 12.59 2.21 6.14
C ARG A 226 13.72 1.54 6.91
N LEU A 227 14.97 1.86 6.56
CA LEU A 227 16.15 1.30 7.24
C LEU A 227 16.23 1.80 8.69
N LYS A 228 16.01 3.10 8.89
CA LYS A 228 15.97 3.64 10.24
C LYS A 228 14.94 2.93 11.11
N ARG A 229 13.75 2.68 10.55
CA ARG A 229 12.71 1.99 11.31
C ARG A 229 13.11 0.55 11.60
N PHE A 230 13.72 -0.13 10.62
CA PHE A 230 14.11 -1.52 10.85
C PHE A 230 15.10 -1.63 12.01
N ASN A 231 16.15 -0.82 11.99
CA ASN A 231 17.15 -0.87 13.05
C ASN A 231 16.54 -0.61 14.41
N ALA A 232 15.65 0.38 14.51
CA ALA A 232 14.98 0.63 15.77
C ALA A 232 14.20 -0.60 16.22
N VAL A 233 13.58 -1.32 15.28
CA VAL A 233 12.88 -2.55 15.67
C VAL A 233 13.89 -3.62 16.06
N ALA A 234 14.96 -3.76 15.27
CA ALA A 234 15.98 -4.75 15.58
C ALA A 234 16.50 -4.57 17.00
N ALA A 235 16.70 -3.31 17.43
CA ALA A 235 17.26 -3.04 18.76
C ALA A 235 16.33 -3.54 19.85
N VAL A 236 15.04 -3.22 19.74
CA VAL A 236 14.07 -3.67 20.76
C VAL A 236 13.96 -5.19 20.79
N ILE A 237 14.12 -5.85 19.65
CA ILE A 237 13.98 -7.31 19.61
C ILE A 237 15.24 -7.99 20.14
N GLY A 238 16.42 -7.41 19.93
CA GLY A 238 17.67 -8.08 20.23
C GLY A 238 18.34 -8.70 19.03
N ILE A 239 17.97 -8.29 17.83
CA ILE A 239 18.46 -8.85 16.57
C ILE A 239 19.52 -7.91 16.02
N ASP A 240 20.45 -8.46 15.24
CA ASP A 240 21.37 -7.62 14.50
C ASP A 240 20.61 -6.58 13.69
N GLY A 241 21.11 -5.35 13.71
CA GLY A 241 20.54 -4.35 12.83
C GLY A 241 20.88 -4.63 11.39
N ALA A 242 20.71 -3.63 10.54
CA ALA A 242 21.09 -3.75 9.15
C ALA A 242 21.87 -2.50 8.77
N ARG A 243 22.97 -2.71 8.05
CA ARG A 243 23.70 -1.61 7.45
C ARG A 243 23.19 -1.29 6.07
N GLU A 244 22.26 -2.10 5.56
CA GLU A 244 21.74 -1.95 4.22
C GLU A 244 20.38 -2.63 4.12
#